data_5CYA
#
_entry.id   5CYA
#
_cell.length_a   69.790
_cell.length_b   69.790
_cell.length_c   78.180
_cell.angle_alpha   90.000
_cell.angle_beta   90.000
_cell.angle_gamma   90.000
#
_symmetry.space_group_name_H-M   'P 43'
#
loop_
_entity.id
_entity.type
_entity.pdbx_description
1 polymer 'Tubulin-specific chaperone C'
2 non-polymer 'SULFATE ION'
3 water water
#
_entity_poly.entity_id   1
_entity_poly.type   'polypeptide(L)'
_entity_poly.pdbx_seq_one_letter_code
;MDFTAKIKELERELSETSDYKTLQKKTISLRSELNTLSHSLTSYEKEHFSNDIENVLKSINAKLSESKGKKRLFSFKQKN
SSSAVHKNVERTELANAPAYTTTLKKHYVLEKGDSAFENLEFCTVTSTTDYSGNSALSGSLCFRNITKCVINLQRIFFQT
GSIFITDCTDSIIFLRSPSDKDFQIRLRDLKNCKILIEKLSPSIDCKQVVIIENCHKCIFNASTRDHLIIQDFSNPFQSE
ETEDNSAFAFEDFDICNKDTMQLFRAYL
;
_entity_poly.pdbx_strand_id   A,B
#
# COMPACT_ATOMS: atom_id res chain seq x y z
N THR A 101 13.24 -27.86 11.18
CA THR A 101 12.27 -28.37 12.14
C THR A 101 11.04 -27.46 12.24
N THR A 102 9.86 -28.07 12.18
CA THR A 102 8.64 -27.34 12.47
C THR A 102 7.99 -27.91 13.74
N THR A 103 7.19 -27.08 14.37
CA THR A 103 6.40 -27.41 15.54
C THR A 103 5.03 -27.89 15.06
N LEU A 104 4.53 -28.95 15.67
CA LEU A 104 3.24 -29.54 15.31
C LEU A 104 2.22 -29.36 16.42
N LYS A 105 0.95 -29.18 16.05
CA LYS A 105 -0.16 -29.24 17.00
C LYS A 105 -0.01 -28.39 18.24
N LYS A 106 0.38 -27.14 18.06
CA LYS A 106 0.49 -26.18 19.14
C LYS A 106 -0.46 -25.02 18.87
N HIS A 107 -1.09 -24.52 19.93
CA HIS A 107 -1.86 -23.30 19.87
C HIS A 107 -1.00 -22.14 20.34
N TYR A 108 -0.65 -21.24 19.42
CA TYR A 108 0.10 -20.05 19.79
C TYR A 108 -0.87 -18.91 20.05
N VAL A 109 -0.64 -18.16 21.13
CA VAL A 109 -1.46 -17.03 21.49
C VAL A 109 -0.73 -15.72 21.26
N LEU A 110 -1.25 -14.90 20.35
CA LEU A 110 -0.65 -13.60 20.08
C LEU A 110 -0.81 -12.69 21.28
N GLU A 111 0.31 -12.14 21.75
CA GLU A 111 0.28 -11.20 22.86
C GLU A 111 1.00 -9.95 22.42
N LYS A 112 0.78 -8.84 23.12
CA LYS A 112 1.45 -7.58 22.76
C LYS A 112 2.96 -7.81 22.81
N GLY A 113 3.69 -7.24 21.87
CA GLY A 113 5.13 -7.44 21.86
C GLY A 113 5.58 -8.54 20.91
N ASP A 114 4.76 -9.58 20.73
CA ASP A 114 5.09 -10.65 19.79
C ASP A 114 5.14 -10.03 18.40
N SER A 115 6.07 -10.48 17.57
CA SER A 115 6.13 -9.97 16.22
C SER A 115 6.38 -11.05 15.18
N ALA A 116 6.71 -12.27 15.60
CA ALA A 116 7.07 -13.30 14.62
C ALA A 116 6.65 -14.70 15.03
N PHE A 117 6.07 -15.42 14.06
CA PHE A 117 5.73 -16.84 14.23
C PHE A 117 6.27 -17.59 13.02
N GLU A 118 7.09 -18.60 13.26
CA GLU A 118 7.79 -19.29 12.18
C GLU A 118 7.80 -20.81 12.32
N ASN A 119 7.77 -21.51 11.20
CA ASN A 119 7.98 -22.95 11.15
C ASN A 119 6.90 -23.69 11.92
N LEU A 120 5.68 -23.46 11.51
CA LEU A 120 4.49 -24.02 12.15
C LEU A 120 3.81 -24.96 11.17
N GLU A 121 3.27 -26.07 11.70
CA GLU A 121 2.60 -27.05 10.87
C GLU A 121 1.44 -27.65 11.67
N PHE A 122 0.22 -27.61 11.14
CA PHE A 122 -0.96 -28.05 11.90
C PHE A 122 -1.02 -27.39 13.28
N CYS A 123 -0.76 -26.08 13.27
CA CYS A 123 -0.85 -25.24 14.46
C CYS A 123 -1.96 -24.23 14.32
N THR A 124 -2.26 -23.54 15.42
CA THR A 124 -3.16 -22.38 15.38
C THR A 124 -2.46 -21.19 15.97
N VAL A 125 -2.83 -20.00 15.50
CA VAL A 125 -2.37 -18.75 16.09
C VAL A 125 -3.58 -17.83 16.28
N THR A 126 -3.84 -17.40 17.50
CA THR A 126 -5.00 -16.56 17.81
C THR A 126 -4.59 -15.37 18.69
N SER A 127 -5.45 -14.36 18.80
CA SER A 127 -5.15 -13.19 19.63
C SER A 127 -5.54 -13.43 21.09
N THR A 128 -4.72 -12.97 22.03
CA THR A 128 -5.03 -13.15 23.45
C THR A 128 -6.27 -12.36 23.85
N THR A 129 -7.08 -12.97 24.71
CA THR A 129 -8.26 -12.30 25.28
C THR A 129 -7.84 -11.38 26.41
N ASP A 130 -6.63 -11.57 26.94
CA ASP A 130 -6.15 -10.80 28.09
C ASP A 130 -5.31 -9.61 27.65
N TYR A 131 -5.21 -8.60 28.53
CA TYR A 131 -4.46 -7.38 28.24
C TYR A 131 -4.89 -6.76 26.92
N SER A 132 -6.18 -6.95 26.60
CA SER A 132 -6.74 -6.47 25.35
C SER A 132 -6.99 -4.97 25.40
N GLY A 133 -6.99 -4.34 24.22
CA GLY A 133 -7.26 -2.92 24.14
C GLY A 133 -5.98 -2.11 24.10
N ASN A 134 -5.07 -2.39 25.03
CA ASN A 134 -3.81 -1.66 25.10
C ASN A 134 -3.00 -1.92 23.84
N SER A 135 -2.65 -0.85 23.13
CA SER A 135 -1.92 -0.95 21.88
C SER A 135 -0.71 -0.03 21.79
N ALA A 136 0.30 -0.46 21.04
CA ALA A 136 1.42 0.39 20.68
C ALA A 136 1.02 1.19 19.44
N LEU A 137 1.68 2.33 19.25
CA LEU A 137 1.46 3.18 18.10
C LEU A 137 1.80 2.50 16.76
N SER A 138 2.96 1.85 16.70
CA SER A 138 3.39 1.21 15.48
C SER A 138 3.87 -0.19 15.80
N GLY A 139 3.64 -1.11 14.85
CA GLY A 139 4.02 -2.48 15.02
C GLY A 139 4.11 -3.23 13.71
N SER A 140 4.58 -4.47 13.79
CA SER A 140 4.68 -5.31 12.62
C SER A 140 4.62 -6.77 13.08
N LEU A 141 3.89 -7.61 12.33
CA LEU A 141 3.80 -9.04 12.61
C LEU A 141 4.25 -9.79 11.38
N CYS A 142 5.06 -10.83 11.59
CA CYS A 142 5.53 -11.63 10.47
C CYS A 142 5.30 -13.13 10.74
N PHE A 143 4.73 -13.80 9.75
CA PHE A 143 4.56 -15.26 9.74
C PHE A 143 5.37 -15.81 8.58
N ARG A 144 6.17 -16.84 8.85
CA ARG A 144 7.00 -17.45 7.83
C ARG A 144 7.00 -18.98 7.97
N ASN A 145 6.88 -19.68 6.85
CA ASN A 145 6.91 -21.16 6.78
C ASN A 145 5.78 -21.75 7.61
N ILE A 146 4.57 -21.59 7.09
CA ILE A 146 3.33 -21.97 7.73
C ILE A 146 2.62 -22.99 6.87
N THR A 147 2.35 -24.16 7.41
CA THR A 147 1.76 -25.25 6.65
C THR A 147 0.55 -25.78 7.38
N LYS A 148 -0.59 -25.84 6.72
CA LYS A 148 -1.78 -26.45 7.32
C LYS A 148 -2.09 -25.87 8.69
N CYS A 149 -2.15 -24.55 8.79
CA CYS A 149 -2.42 -23.90 10.05
C CYS A 149 -3.68 -23.06 9.99
N VAL A 150 -4.20 -22.73 11.17
CA VAL A 150 -5.23 -21.73 11.24
C VAL A 150 -4.69 -20.48 11.92
N ILE A 151 -4.55 -19.41 11.15
CA ILE A 151 -4.22 -18.11 11.72
C ILE A 151 -5.50 -17.28 11.86
N ASN A 152 -5.84 -16.93 13.08
CA ASN A 152 -7.10 -16.28 13.35
C ASN A 152 -6.90 -15.16 14.36
N LEU A 153 -6.57 -13.98 13.84
CA LEU A 153 -6.25 -12.84 14.68
C LEU A 153 -7.39 -11.84 14.62
N GLN A 154 -8.24 -11.86 15.63
CA GLN A 154 -9.36 -10.93 15.69
C GLN A 154 -8.96 -9.66 16.42
N ARG A 155 -7.79 -9.66 17.04
CA ARG A 155 -7.27 -8.45 17.67
C ARG A 155 -5.79 -8.28 17.38
N ILE A 156 -5.43 -7.11 16.89
CA ILE A 156 -4.04 -6.71 16.66
C ILE A 156 -3.65 -5.65 17.69
N PHE A 157 -2.47 -5.78 18.28
CA PHE A 157 -2.08 -4.94 19.41
C PHE A 157 -1.15 -3.77 19.04
N PHE A 158 -1.18 -3.38 17.78
CA PHE A 158 -0.58 -2.11 17.38
C PHE A 158 -1.55 -1.36 16.47
N GLN A 159 -1.54 -0.04 16.58
CA GLN A 159 -2.48 0.82 15.86
C GLN A 159 -2.16 0.92 14.37
N THR A 160 -0.89 1.16 14.05
CA THR A 160 -0.45 1.27 12.67
C THR A 160 0.69 0.30 12.36
N GLY A 161 0.85 -0.06 11.10
CA GLY A 161 1.96 -0.94 10.73
C GLY A 161 1.60 -2.00 9.72
N SER A 162 2.05 -3.22 9.95
CA SER A 162 1.90 -4.24 8.93
C SER A 162 1.86 -5.66 9.47
N ILE A 163 1.23 -6.53 8.70
CA ILE A 163 1.25 -7.98 8.90
C ILE A 163 1.78 -8.59 7.62
N PHE A 164 2.85 -9.38 7.75
CA PHE A 164 3.44 -10.07 6.62
C PHE A 164 3.24 -11.57 6.82
N ILE A 165 2.82 -12.26 5.76
CA ILE A 165 2.76 -13.73 5.76
C ILE A 165 3.52 -14.21 4.54
N THR A 166 4.52 -15.06 4.76
CA THR A 166 5.39 -15.51 3.68
C THR A 166 5.58 -17.01 3.74
N ASP A 167 5.47 -17.68 2.60
CA ASP A 167 5.67 -19.14 2.52
C ASP A 167 4.66 -19.86 3.41
N CYS A 168 3.44 -19.90 2.91
CA CYS A 168 2.30 -20.37 3.66
C CYS A 168 1.41 -21.21 2.75
N THR A 169 1.12 -22.44 3.18
CA THR A 169 0.47 -23.44 2.34
C THR A 169 -0.74 -24.07 3.03
N ASP A 170 -1.83 -24.29 2.28
CA ASP A 170 -2.97 -25.06 2.77
C ASP A 170 -3.48 -24.58 4.11
N SER A 171 -3.53 -23.26 4.29
CA SER A 171 -3.87 -22.69 5.58
C SER A 171 -5.10 -21.79 5.53
N ILE A 172 -5.59 -21.47 6.71
CA ILE A 172 -6.74 -20.60 6.87
C ILE A 172 -6.22 -19.32 7.49
N ILE A 173 -6.53 -18.18 6.89
CA ILE A 173 -6.02 -16.91 7.39
C ILE A 173 -7.14 -15.92 7.65
N PHE A 174 -7.47 -15.74 8.93
CA PHE A 174 -8.48 -14.75 9.32
C PHE A 174 -7.79 -13.59 10.02
N LEU A 175 -8.00 -12.37 9.53
CA LEU A 175 -7.36 -11.21 10.11
C LEU A 175 -8.37 -10.08 10.28
N ARG A 176 -8.29 -9.43 11.43
CA ARG A 176 -9.13 -8.26 11.68
C ARG A 176 -8.21 -7.07 11.86
N SER A 177 -8.00 -6.30 10.79
CA SER A 177 -6.99 -5.26 10.81
C SER A 177 -7.50 -4.00 11.52
N PRO A 178 -6.59 -3.22 12.11
CA PRO A 178 -6.93 -1.95 12.77
C PRO A 178 -7.54 -0.93 11.78
N SER A 179 -8.10 0.16 12.31
CA SER A 179 -8.82 1.13 11.49
C SER A 179 -7.89 1.91 10.57
N ASP A 180 -6.62 2.00 10.95
CA ASP A 180 -5.58 2.72 10.20
C ASP A 180 -5.75 2.56 8.69
N LYS A 181 -6.08 3.68 8.03
CA LYS A 181 -6.37 3.65 6.60
C LYS A 181 -5.19 3.11 5.82
N ASP A 182 -4.00 3.34 6.36
CA ASP A 182 -2.79 2.97 5.64
C ASP A 182 -2.20 1.64 6.13
N PHE A 183 -2.97 0.89 6.92
CA PHE A 183 -2.51 -0.40 7.41
C PHE A 183 -2.19 -1.36 6.27
N GLN A 184 -1.07 -2.09 6.41
CA GLN A 184 -0.60 -2.96 5.35
C GLN A 184 -0.72 -4.45 5.67
N ILE A 185 -1.23 -5.23 4.73
CA ILE A 185 -1.19 -6.70 4.79
C ILE A 185 -0.55 -7.21 3.50
N ARG A 186 0.63 -7.80 3.66
CA ARG A 186 1.41 -8.27 2.53
C ARG A 186 1.56 -9.78 2.56
N LEU A 187 1.07 -10.43 1.51
CA LEU A 187 1.06 -11.88 1.39
C LEU A 187 1.98 -12.35 0.27
N ARG A 188 2.95 -13.20 0.61
CA ARG A 188 3.92 -13.69 -0.36
C ARG A 188 4.08 -15.21 -0.32
N ASP A 189 4.02 -15.84 -1.50
CA ASP A 189 4.20 -17.29 -1.61
C ASP A 189 3.16 -18.07 -0.81
N LEU A 190 1.91 -17.66 -0.96
CA LEU A 190 0.77 -18.41 -0.40
C LEU A 190 0.21 -19.36 -1.45
N LYS A 191 -0.11 -20.58 -1.02
CA LYS A 191 -0.72 -21.57 -1.89
C LYS A 191 -1.93 -22.21 -1.22
N ASN A 192 -3.06 -22.24 -1.91
CA ASN A 192 -4.25 -22.92 -1.44
C ASN A 192 -4.68 -22.48 -0.05
N CYS A 193 -4.80 -21.17 0.16
CA CYS A 193 -5.24 -20.68 1.45
C CYS A 193 -6.63 -20.07 1.33
N LYS A 194 -7.42 -20.19 2.39
CA LYS A 194 -8.69 -19.49 2.48
C LYS A 194 -8.55 -18.30 3.41
N ILE A 195 -9.01 -17.14 2.96
CA ILE A 195 -8.69 -15.87 3.59
C ILE A 195 -9.91 -15.02 3.94
N LEU A 196 -9.97 -14.55 5.18
CA LEU A 196 -11.03 -13.66 5.63
C LEU A 196 -10.40 -12.46 6.28
N ILE A 197 -10.27 -11.38 5.52
CA ILE A 197 -9.67 -10.19 6.06
C ILE A 197 -10.73 -9.11 6.20
N GLU A 198 -10.94 -8.67 7.43
CA GLU A 198 -11.93 -7.64 7.71
C GLU A 198 -11.21 -6.50 8.40
N LYS A 199 -11.73 -5.29 8.28
CA LYS A 199 -11.07 -4.18 8.92
C LYS A 199 -11.95 -3.72 10.07
N LEU A 200 -11.36 -3.48 11.23
CA LEU A 200 -12.12 -2.94 12.37
C LEU A 200 -12.16 -1.42 12.26
N SER A 201 -13.11 -0.88 11.50
CA SER A 201 -13.10 0.54 11.17
C SER A 201 -14.46 1.20 11.14
N PRO A 202 -14.56 2.41 11.70
CA PRO A 202 -15.83 3.16 11.71
C PRO A 202 -15.95 4.04 10.45
N SER A 203 -14.98 3.93 9.54
CA SER A 203 -14.91 4.79 8.34
C SER A 203 -15.98 4.44 7.31
N ILE A 204 -16.46 5.42 6.54
CA ILE A 204 -17.60 5.12 5.67
C ILE A 204 -17.21 4.11 4.59
N ASP A 205 -16.29 4.47 3.73
CA ASP A 205 -15.92 3.56 2.65
C ASP A 205 -14.61 2.89 3.04
N CYS A 206 -14.67 2.06 4.07
CA CYS A 206 -13.46 1.49 4.62
C CYS A 206 -12.89 0.44 3.67
N LYS A 207 -11.63 0.61 3.30
CA LYS A 207 -10.93 -0.32 2.43
C LYS A 207 -9.68 -0.87 3.12
N GLN A 208 -9.40 -2.16 2.94
CA GLN A 208 -8.13 -2.71 3.36
C GLN A 208 -7.33 -3.12 2.13
N VAL A 209 -6.15 -2.57 1.96
CA VAL A 209 -5.30 -3.00 0.86
C VAL A 209 -4.62 -4.32 1.23
N VAL A 210 -4.62 -5.25 0.29
CA VAL A 210 -3.89 -6.50 0.48
C VAL A 210 -2.91 -6.64 -0.68
N ILE A 211 -1.62 -6.63 -0.35
CA ILE A 211 -0.56 -6.86 -1.34
C ILE A 211 -0.28 -8.36 -1.46
N ILE A 212 -0.37 -8.90 -2.67
CA ILE A 212 0.00 -10.29 -2.85
C ILE A 212 1.14 -10.42 -3.84
N GLU A 213 2.01 -11.39 -3.58
CA GLU A 213 3.15 -11.71 -4.43
C GLU A 213 3.26 -13.22 -4.57
N ASN A 214 3.34 -13.71 -5.81
CA ASN A 214 3.52 -15.14 -6.05
C ASN A 214 2.57 -16.02 -5.24
N CYS A 215 1.29 -15.66 -5.25
CA CYS A 215 0.29 -16.48 -4.59
C CYS A 215 -0.47 -17.31 -5.62
N HIS A 216 -0.95 -18.48 -5.21
CA HIS A 216 -1.66 -19.40 -6.10
C HIS A 216 -2.83 -20.07 -5.40
N LYS A 217 -3.96 -20.11 -6.09
CA LYS A 217 -5.18 -20.74 -5.60
C LYS A 217 -5.56 -20.23 -4.20
N CYS A 218 -5.46 -18.92 -4.00
CA CYS A 218 -5.92 -18.29 -2.78
C CYS A 218 -7.39 -17.91 -2.91
N ILE A 219 -8.18 -18.22 -1.88
CA ILE A 219 -9.60 -17.92 -1.88
C ILE A 219 -9.91 -16.82 -0.86
N PHE A 220 -10.30 -15.65 -1.33
CA PHE A 220 -10.80 -14.60 -0.43
C PHE A 220 -12.32 -14.73 -0.26
N ASN A 221 -12.80 -14.67 0.97
CA ASN A 221 -14.22 -14.85 1.21
C ASN A 221 -15.00 -13.77 0.48
N ALA A 222 -16.04 -14.18 -0.25
CA ALA A 222 -16.81 -13.27 -1.09
C ALA A 222 -17.40 -12.11 -0.28
N SER A 223 -17.63 -12.33 1.00
CA SER A 223 -18.23 -11.31 1.86
C SER A 223 -17.34 -10.08 2.00
N THR A 224 -16.05 -10.24 1.68
CA THR A 224 -15.06 -9.19 1.86
C THR A 224 -14.74 -8.44 0.57
N ARG A 225 -15.41 -8.82 -0.52
CA ARG A 225 -15.12 -8.28 -1.85
C ARG A 225 -15.16 -6.75 -1.93
N ASP A 226 -16.21 -6.16 -1.38
CA ASP A 226 -16.40 -4.72 -1.50
C ASP A 226 -15.51 -3.90 -0.58
N HIS A 227 -14.77 -4.59 0.30
CA HIS A 227 -13.92 -3.93 1.29
C HIS A 227 -12.42 -4.11 1.07
N LEU A 228 -12.03 -5.00 0.17
CA LEU A 228 -10.62 -5.24 -0.08
C LEU A 228 -10.15 -4.63 -1.39
N ILE A 229 -8.90 -4.19 -1.40
CA ILE A 229 -8.27 -3.84 -2.66
C ILE A 229 -7.05 -4.73 -2.80
N ILE A 230 -7.16 -5.74 -3.67
CA ILE A 230 -6.08 -6.69 -3.86
C ILE A 230 -5.17 -6.15 -4.95
N GLN A 231 -3.88 -6.05 -4.66
CA GLN A 231 -2.92 -5.61 -5.65
C GLN A 231 -1.81 -6.63 -5.79
N ASP A 232 -1.73 -7.24 -6.97
CA ASP A 232 -0.72 -8.26 -7.24
C ASP A 232 0.60 -7.62 -7.66
N PHE A 233 1.56 -7.66 -6.75
CA PHE A 233 2.91 -7.13 -6.99
C PHE A 233 3.92 -8.22 -7.36
N SER A 234 3.45 -9.34 -7.92
CA SER A 234 4.36 -10.43 -8.27
C SER A 234 5.40 -9.94 -9.27
N ASN A 235 4.92 -9.40 -10.38
CA ASN A 235 5.77 -8.86 -11.41
C ASN A 235 5.32 -7.44 -11.76
N PRO A 236 5.65 -6.47 -10.88
CA PRO A 236 5.17 -5.09 -11.05
C PRO A 236 5.79 -4.40 -12.26
N PHE A 237 4.97 -3.58 -12.92
CA PHE A 237 5.31 -2.81 -14.13
C PHE A 237 6.78 -2.37 -14.21
N ASN A 245 -3.91 -14.71 -12.98
CA ASN A 245 -5.36 -14.72 -12.87
C ASN A 245 -5.81 -15.70 -11.80
N SER A 246 -5.26 -16.90 -11.87
CA SER A 246 -5.54 -17.95 -10.90
C SER A 246 -4.73 -17.75 -9.63
N ALA A 247 -4.25 -16.53 -9.41
CA ALA A 247 -3.59 -16.17 -8.16
C ALA A 247 -4.61 -16.23 -7.05
N PHE A 248 -5.78 -15.64 -7.30
CA PHE A 248 -6.83 -15.60 -6.29
C PHE A 248 -8.23 -15.56 -6.90
N ALA A 249 -9.21 -15.89 -6.09
CA ALA A 249 -10.61 -15.73 -6.47
C ALA A 249 -11.41 -15.42 -5.22
N PHE A 250 -12.56 -14.77 -5.41
CA PHE A 250 -13.49 -14.50 -4.32
C PHE A 250 -14.57 -15.57 -4.33
N GLU A 251 -14.65 -16.36 -3.28
CA GLU A 251 -15.68 -17.40 -3.20
C GLU A 251 -16.31 -17.43 -1.82
N ASP A 252 -17.53 -17.96 -1.74
CA ASP A 252 -18.14 -18.18 -0.43
C ASP A 252 -17.53 -19.42 0.22
N PHE A 253 -17.28 -19.36 1.52
CA PHE A 253 -17.00 -20.56 2.28
C PHE A 253 -17.40 -20.34 3.73
N ASP A 254 -17.68 -21.43 4.43
CA ASP A 254 -18.14 -21.35 5.81
C ASP A 254 -17.05 -20.79 6.71
N ILE A 255 -17.33 -19.68 7.38
CA ILE A 255 -16.33 -19.11 8.28
C ILE A 255 -16.43 -19.72 9.68
N CYS A 256 -17.38 -20.64 9.86
CA CYS A 256 -17.53 -21.40 11.10
C CYS A 256 -17.56 -20.50 12.33
N ASN A 257 -18.28 -19.39 12.25
CA ASN A 257 -18.37 -18.43 13.35
C ASN A 257 -16.99 -17.96 13.84
N LYS A 258 -15.98 -18.05 12.98
CA LYS A 258 -14.61 -17.66 13.32
C LYS A 258 -14.08 -18.43 14.53
N ASP A 259 -14.59 -19.64 14.71
CA ASP A 259 -14.15 -20.54 15.76
C ASP A 259 -12.91 -21.27 15.23
N THR A 260 -11.77 -20.99 15.86
CA THR A 260 -10.49 -21.45 15.35
C THR A 260 -10.45 -22.98 15.16
N MET A 261 -10.86 -23.73 16.17
CA MET A 261 -10.78 -25.19 16.06
C MET A 261 -11.83 -25.75 15.10
N GLN A 262 -12.98 -25.08 14.96
CA GLN A 262 -13.93 -25.53 13.96
C GLN A 262 -13.33 -25.41 12.55
N LEU A 263 -12.68 -24.27 12.28
CA LEU A 263 -11.96 -24.05 11.03
C LEU A 263 -10.88 -25.10 10.81
N PHE A 264 -10.17 -25.40 11.88
CA PHE A 264 -9.15 -26.44 11.89
C PHE A 264 -9.75 -27.77 11.38
N ARG A 265 -10.89 -28.14 11.94
CA ARG A 265 -11.52 -29.42 11.60
C ARG A 265 -12.13 -29.38 10.20
N ALA A 266 -12.71 -28.24 9.86
CA ALA A 266 -13.39 -28.10 8.57
C ALA A 266 -12.43 -28.12 7.38
N TYR A 267 -11.25 -27.54 7.50
CA TYR A 267 -10.45 -27.28 6.30
C TYR A 267 -9.10 -27.96 6.28
N LEU A 268 -8.62 -28.39 7.45
CA LEU A 268 -7.31 -29.03 7.51
C LEU A 268 -7.48 -30.55 7.55
N THR B 101 26.37 16.28 -13.79
CA THR B 101 25.86 17.60 -14.14
C THR B 101 24.36 17.66 -13.93
N THR B 102 23.88 18.69 -13.25
CA THR B 102 22.45 18.81 -13.08
C THR B 102 21.92 19.95 -13.94
N THR B 103 20.65 19.87 -14.27
CA THR B 103 19.99 20.92 -15.02
C THR B 103 19.33 21.89 -14.06
N LEU B 104 19.54 23.18 -14.28
CA LEU B 104 18.98 24.24 -13.44
C LEU B 104 17.98 25.08 -14.20
N LYS B 105 16.93 25.53 -13.51
CA LYS B 105 16.02 26.58 -14.01
C LYS B 105 15.44 26.31 -15.41
N LYS B 106 14.97 25.10 -15.64
CA LYS B 106 14.33 24.73 -16.91
C LYS B 106 12.88 24.30 -16.70
N HIS B 107 11.99 24.74 -17.60
CA HIS B 107 10.61 24.24 -17.63
C HIS B 107 10.47 23.20 -18.73
N TYR B 108 10.29 21.95 -18.33
CA TYR B 108 10.07 20.85 -19.26
C TYR B 108 8.58 20.63 -19.46
N VAL B 109 8.17 20.46 -20.71
CA VAL B 109 6.79 20.15 -21.00
C VAL B 109 6.76 18.70 -21.41
N LEU B 110 6.07 17.87 -20.62
CA LEU B 110 6.02 16.43 -20.84
C LEU B 110 5.32 16.10 -22.15
N GLU B 111 5.96 15.24 -22.93
CA GLU B 111 5.41 14.82 -24.21
C GLU B 111 5.21 13.31 -24.21
N LYS B 112 4.41 12.83 -25.15
CA LYS B 112 4.09 11.40 -25.23
C LYS B 112 5.31 10.48 -25.39
N GLY B 113 6.46 11.06 -25.74
CA GLY B 113 7.69 10.29 -25.90
C GLY B 113 8.56 10.25 -24.65
N ASP B 114 8.52 11.33 -23.86
CA ASP B 114 9.31 11.41 -22.63
C ASP B 114 8.91 10.36 -21.60
N SER B 115 9.91 9.79 -20.94
CA SER B 115 9.65 8.81 -19.90
C SER B 115 10.57 8.97 -18.69
N ALA B 116 11.59 9.81 -18.79
CA ALA B 116 12.56 9.93 -17.69
C ALA B 116 13.16 11.33 -17.54
N PHE B 117 13.22 11.81 -16.31
CA PHE B 117 13.85 13.11 -15.99
C PHE B 117 14.80 12.92 -14.81
N GLU B 118 16.06 13.32 -14.98
CA GLU B 118 17.06 13.06 -13.94
C GLU B 118 17.93 14.27 -13.67
N ASN B 119 18.33 14.44 -12.41
CA ASN B 119 19.30 15.48 -12.01
C ASN B 119 18.81 16.90 -12.27
N LEU B 120 17.68 17.22 -11.66
CA LEU B 120 17.02 18.51 -11.84
C LEU B 120 17.07 19.33 -10.57
N GLU B 121 17.19 20.64 -10.75
CA GLU B 121 17.22 21.59 -9.65
C GLU B 121 16.54 22.88 -10.06
N PHE B 122 15.55 23.30 -9.26
CA PHE B 122 14.69 24.45 -9.57
C PHE B 122 14.13 24.36 -10.97
N CYS B 123 13.68 23.16 -11.33
CA CYS B 123 13.05 22.97 -12.63
C CYS B 123 11.58 22.67 -12.43
N THR B 124 10.82 22.72 -13.51
CA THR B 124 9.45 22.27 -13.48
C THR B 124 9.24 21.26 -14.60
N VAL B 125 8.30 20.35 -14.38
CA VAL B 125 7.85 19.44 -15.42
C VAL B 125 6.33 19.45 -15.39
N THR B 126 5.72 19.80 -16.53
CA THR B 126 4.28 19.96 -16.59
C THR B 126 3.75 19.15 -17.76
N SER B 127 2.43 18.95 -17.82
CA SER B 127 1.85 18.19 -18.93
C SER B 127 1.56 19.12 -20.10
N THR B 128 1.79 18.65 -21.32
CA THR B 128 1.52 19.48 -22.49
C THR B 128 0.02 19.77 -22.61
N THR B 129 -0.30 21.01 -23.00
CA THR B 129 -1.68 21.41 -23.20
C THR B 129 -2.20 20.91 -24.54
N ASP B 130 -1.29 20.66 -25.47
CA ASP B 130 -1.65 20.19 -26.81
C ASP B 130 -1.39 18.70 -26.99
N TYR B 131 -2.11 18.08 -27.93
CA TYR B 131 -1.93 16.67 -28.27
C TYR B 131 -1.95 15.77 -27.04
N SER B 132 -2.75 16.14 -26.04
CA SER B 132 -2.78 15.44 -24.77
C SER B 132 -3.49 14.09 -24.89
N GLY B 133 -4.07 13.84 -26.06
CA GLY B 133 -4.70 12.55 -26.32
C GLY B 133 -3.66 11.56 -26.76
N ASN B 134 -3.49 10.49 -25.97
CA ASN B 134 -2.48 9.49 -26.27
C ASN B 134 -2.77 8.13 -25.63
N SER B 135 -2.64 7.09 -26.43
CA SER B 135 -2.94 5.74 -25.96
C SER B 135 -1.73 4.84 -26.09
N ALA B 136 -1.63 3.89 -25.16
CA ALA B 136 -0.64 2.83 -25.21
C ALA B 136 -1.06 1.71 -24.26
N LEU B 137 -0.57 0.50 -24.52
CA LEU B 137 -0.85 -0.64 -23.66
C LEU B 137 -0.29 -0.37 -22.27
N SER B 138 0.94 0.12 -22.24
CA SER B 138 1.65 0.43 -21.02
C SER B 138 2.41 1.74 -21.16
N GLY B 139 2.70 2.38 -20.03
CA GLY B 139 3.54 3.55 -20.05
C GLY B 139 4.23 3.65 -18.71
N SER B 140 5.29 4.46 -18.67
CA SER B 140 6.05 4.62 -17.44
C SER B 140 6.78 5.94 -17.42
N LEU B 141 6.77 6.58 -16.25
CA LEU B 141 7.48 7.83 -16.04
C LEU B 141 8.44 7.66 -14.87
N CYS B 142 9.65 8.16 -15.01
CA CYS B 142 10.65 8.10 -13.94
C CYS B 142 11.25 9.46 -13.65
N PHE B 143 11.26 9.83 -12.38
CA PHE B 143 11.98 11.04 -11.96
C PHE B 143 13.00 10.64 -10.92
N ARG B 144 14.25 11.05 -11.12
CA ARG B 144 15.31 10.69 -10.18
C ARG B 144 16.24 11.87 -9.91
N ASN B 145 16.60 12.04 -8.65
CA ASN B 145 17.50 13.10 -8.21
C ASN B 145 16.91 14.46 -8.54
N ILE B 146 15.85 14.77 -7.81
CA ILE B 146 15.05 15.96 -8.04
C ILE B 146 15.16 16.84 -6.80
N THR B 147 15.64 18.06 -6.99
CA THR B 147 15.86 18.96 -5.88
C THR B 147 15.14 20.28 -6.13
N LYS B 148 14.28 20.68 -5.19
CA LYS B 148 13.58 21.97 -5.27
C LYS B 148 12.87 22.14 -6.60
N CYS B 149 12.04 21.17 -6.96
CA CYS B 149 11.33 21.25 -8.24
C CYS B 149 9.83 21.23 -8.06
N VAL B 150 9.11 21.64 -9.10
CA VAL B 150 7.67 21.45 -9.16
C VAL B 150 7.35 20.46 -10.28
N ILE B 151 6.85 19.29 -9.89
CA ILE B 151 6.33 18.34 -10.85
C ILE B 151 4.81 18.50 -10.80
N ASN B 152 4.22 18.87 -11.93
CA ASN B 152 2.79 19.17 -11.97
C ASN B 152 2.18 18.59 -13.24
N LEU B 153 1.77 17.33 -13.16
CA LEU B 153 1.27 16.61 -14.31
C LEU B 153 -0.24 16.45 -14.18
N GLN B 154 -0.99 17.32 -14.85
CA GLN B 154 -2.43 17.25 -14.79
C GLN B 154 -3.00 16.36 -15.88
N ARG B 155 -2.14 15.97 -16.83
CA ARG B 155 -2.54 15.02 -17.86
C ARG B 155 -1.46 13.96 -18.01
N ILE B 156 -1.85 12.70 -17.89
CA ILE B 156 -0.94 11.57 -18.08
C ILE B 156 -1.28 10.88 -19.39
N PHE B 157 -0.26 10.55 -20.19
CA PHE B 157 -0.49 10.13 -21.57
C PHE B 157 -0.46 8.62 -21.78
N PHE B 158 -0.66 7.88 -20.70
CA PHE B 158 -0.90 6.44 -20.81
C PHE B 158 -1.98 6.03 -19.84
N GLN B 159 -2.80 5.07 -20.25
CA GLN B 159 -3.94 4.62 -19.46
C GLN B 159 -3.48 3.81 -18.25
N THR B 160 -2.58 2.87 -18.50
CA THR B 160 -2.06 2.02 -17.45
C THR B 160 -0.55 2.17 -17.37
N GLY B 161 0.00 1.86 -16.19
CA GLY B 161 1.43 1.90 -15.99
C GLY B 161 1.78 2.47 -14.64
N SER B 162 2.81 3.31 -14.60
CA SER B 162 3.33 3.77 -13.33
C SER B 162 4.11 5.07 -13.42
N ILE B 163 4.21 5.74 -12.28
CA ILE B 163 5.10 6.87 -12.12
C ILE B 163 6.03 6.58 -10.96
N PHE B 164 7.33 6.64 -11.21
CA PHE B 164 8.32 6.43 -10.14
C PHE B 164 9.07 7.73 -9.87
N ILE B 165 9.17 8.10 -8.60
CA ILE B 165 9.95 9.24 -8.20
C ILE B 165 10.92 8.81 -7.10
N THR B 166 12.21 9.00 -7.34
CA THR B 166 13.25 8.53 -6.43
C THR B 166 14.30 9.59 -6.16
N ASP B 167 14.64 9.76 -4.88
CA ASP B 167 15.63 10.72 -4.44
C ASP B 167 15.16 12.13 -4.77
N CYS B 168 14.17 12.58 -4.03
CA CYS B 168 13.49 13.85 -4.33
C CYS B 168 13.33 14.66 -3.06
N THR B 169 13.81 15.88 -3.10
CA THR B 169 13.94 16.72 -1.93
C THR B 169 13.28 18.10 -2.14
N ASP B 170 12.56 18.58 -1.13
CA ASP B 170 12.03 19.95 -1.07
C ASP B 170 11.22 20.30 -2.31
N SER B 171 10.43 19.35 -2.80
CA SER B 171 9.74 19.57 -4.08
C SER B 171 8.23 19.50 -3.93
N ILE B 172 7.56 19.93 -4.99
CA ILE B 172 6.11 19.94 -5.05
C ILE B 172 5.69 18.89 -6.07
N ILE B 173 4.81 17.98 -5.69
CA ILE B 173 4.45 16.90 -6.60
C ILE B 173 2.93 16.81 -6.74
N PHE B 174 2.43 17.32 -7.86
CA PHE B 174 1.01 17.28 -8.17
C PHE B 174 0.79 16.32 -9.32
N LEU B 175 -0.08 15.35 -9.11
CA LEU B 175 -0.36 14.32 -10.10
C LEU B 175 -1.85 14.09 -10.21
N ARG B 176 -2.33 13.94 -11.44
CA ARG B 176 -3.71 13.54 -11.67
C ARG B 176 -3.66 12.18 -12.37
N SER B 177 -3.79 11.11 -11.59
CA SER B 177 -3.57 9.75 -12.10
C SER B 177 -4.78 9.22 -12.87
N PRO B 178 -4.54 8.36 -13.88
CA PRO B 178 -5.61 7.77 -14.67
C PRO B 178 -6.54 6.88 -13.85
N SER B 179 -7.68 6.51 -14.45
CA SER B 179 -8.71 5.76 -13.73
C SER B 179 -8.32 4.32 -13.44
N ASP B 180 -7.44 3.76 -14.26
CA ASP B 180 -6.98 2.37 -14.12
C ASP B 180 -6.69 1.94 -12.67
N LYS B 181 -7.42 0.94 -12.20
CA LYS B 181 -7.28 0.46 -10.83
C LYS B 181 -5.86 0.02 -10.49
N ASP B 182 -5.09 -0.36 -11.51
CA ASP B 182 -3.74 -0.88 -11.27
C ASP B 182 -2.63 0.15 -11.50
N PHE B 183 -2.99 1.41 -11.74
CA PHE B 183 -1.98 2.45 -11.91
C PHE B 183 -1.13 2.60 -10.66
N GLN B 184 0.19 2.61 -10.86
CA GLN B 184 1.09 2.58 -9.72
C GLN B 184 1.84 3.90 -9.56
N ILE B 185 1.88 4.36 -8.32
CA ILE B 185 2.68 5.51 -7.95
C ILE B 185 3.65 5.09 -6.85
N ARG B 186 4.93 5.12 -7.17
CA ARG B 186 5.92 4.70 -6.19
C ARG B 186 6.88 5.83 -5.89
N LEU B 187 6.92 6.22 -4.63
CA LEU B 187 7.74 7.31 -4.15
C LEU B 187 8.84 6.75 -3.27
N ARG B 188 10.09 6.97 -3.65
CA ARG B 188 11.18 6.41 -2.87
C ARG B 188 12.18 7.49 -2.54
N ASP B 189 12.55 7.55 -1.27
CA ASP B 189 13.54 8.50 -0.76
C ASP B 189 13.12 9.93 -1.07
N LEU B 190 11.88 10.26 -0.73
CA LEU B 190 11.42 11.64 -0.78
C LEU B 190 11.60 12.28 0.58
N LYS B 191 12.08 13.51 0.56
CA LYS B 191 12.24 14.26 1.79
C LYS B 191 11.62 15.62 1.66
N ASN B 192 10.76 15.96 2.62
CA ASN B 192 10.17 17.29 2.69
C ASN B 192 9.46 17.71 1.41
N CYS B 193 8.58 16.85 0.91
CA CYS B 193 7.80 17.18 -0.28
C CYS B 193 6.33 17.36 0.07
N LYS B 194 5.69 18.28 -0.66
CA LYS B 194 4.25 18.46 -0.59
C LYS B 194 3.62 17.83 -1.81
N ILE B 195 2.59 17.01 -1.58
CA ILE B 195 2.07 16.11 -2.60
C ILE B 195 0.57 16.22 -2.76
N LEU B 196 0.11 16.35 -4.00
CA LEU B 196 -1.31 16.40 -4.30
C LEU B 196 -1.62 15.39 -5.40
N ILE B 197 -2.11 14.23 -5.00
CA ILE B 197 -2.41 13.17 -5.95
C ILE B 197 -3.91 13.02 -6.06
N GLU B 198 -4.41 13.21 -7.26
CA GLU B 198 -5.84 13.16 -7.54
C GLU B 198 -6.18 12.11 -8.58
N LYS B 199 -7.47 11.78 -8.62
CA LYS B 199 -8.01 10.77 -9.53
C LYS B 199 -8.62 11.40 -10.78
N LEU B 200 -8.57 10.65 -11.87
CA LEU B 200 -9.09 11.08 -13.16
C LEU B 200 -10.62 11.00 -13.17
N SER B 201 -11.19 10.50 -12.07
CA SER B 201 -12.62 10.27 -11.96
C SER B 201 -13.03 10.66 -10.53
N PRO B 202 -14.13 11.39 -10.39
CA PRO B 202 -14.53 11.92 -9.07
C PRO B 202 -15.33 10.93 -8.23
N SER B 203 -15.43 9.68 -8.68
CA SER B 203 -16.20 8.69 -7.94
C SER B 203 -15.49 8.37 -6.62
N ILE B 204 -16.28 8.10 -5.59
CA ILE B 204 -15.77 7.97 -4.23
C ILE B 204 -14.94 6.72 -3.95
N ASP B 205 -15.57 5.56 -4.17
CA ASP B 205 -15.04 4.29 -3.71
C ASP B 205 -13.68 3.93 -4.30
N CYS B 206 -13.39 4.39 -5.51
CA CYS B 206 -12.14 4.02 -6.14
C CYS B 206 -10.98 4.79 -5.49
N LYS B 207 -10.02 4.04 -4.98
CA LYS B 207 -8.93 4.60 -4.20
C LYS B 207 -7.63 4.50 -4.97
N GLN B 208 -6.74 5.45 -4.75
CA GLN B 208 -5.42 5.38 -5.34
C GLN B 208 -4.41 5.00 -4.29
N VAL B 209 -3.77 3.86 -4.52
CA VAL B 209 -2.70 3.38 -3.65
C VAL B 209 -1.39 4.07 -3.98
N VAL B 210 -0.68 4.50 -2.95
CA VAL B 210 0.62 5.10 -3.12
C VAL B 210 1.67 4.37 -2.30
N ILE B 211 2.65 3.78 -3.00
CA ILE B 211 3.76 3.09 -2.36
C ILE B 211 4.86 4.09 -2.00
N ILE B 212 5.26 4.11 -0.73
CA ILE B 212 6.38 4.95 -0.32
C ILE B 212 7.48 4.09 0.29
N GLU B 213 8.73 4.48 0.06
CA GLU B 213 9.89 3.82 0.65
C GLU B 213 10.88 4.84 1.16
N ASN B 214 11.30 4.70 2.42
CA ASN B 214 12.30 5.57 3.03
C ASN B 214 12.00 7.05 2.77
N CYS B 215 10.76 7.43 2.98
CA CYS B 215 10.36 8.84 2.83
C CYS B 215 10.35 9.50 4.19
N HIS B 216 10.53 10.82 4.19
CA HIS B 216 10.53 11.60 5.41
C HIS B 216 9.87 12.94 5.22
N LYS B 217 9.02 13.31 6.15
CA LYS B 217 8.34 14.59 6.14
C LYS B 217 7.64 14.84 4.80
N CYS B 218 6.96 13.82 4.28
CA CYS B 218 6.14 14.01 3.10
C CYS B 218 4.74 14.45 3.52
N ILE B 219 4.27 15.53 2.93
CA ILE B 219 2.95 16.02 3.28
C ILE B 219 2.00 15.80 2.12
N PHE B 220 1.04 14.89 2.31
CA PHE B 220 -0.03 14.71 1.35
C PHE B 220 -1.16 15.66 1.70
N ASN B 221 -1.68 16.37 0.72
CA ASN B 221 -2.72 17.35 0.99
C ASN B 221 -3.94 16.69 1.62
N ALA B 222 -4.46 17.29 2.68
CA ALA B 222 -5.58 16.75 3.45
C ALA B 222 -6.80 16.51 2.56
N SER B 223 -6.90 17.25 1.47
CA SER B 223 -8.05 17.12 0.58
C SER B 223 -8.09 15.74 -0.07
N THR B 224 -6.97 15.03 -0.03
CA THR B 224 -6.88 13.73 -0.69
C THR B 224 -6.93 12.51 0.26
N ARG B 225 -7.07 12.75 1.56
CA ARG B 225 -7.02 11.65 2.55
C ARG B 225 -8.04 10.56 2.24
N ASP B 226 -9.24 10.98 1.86
CA ASP B 226 -10.31 10.02 1.63
C ASP B 226 -10.18 9.32 0.28
N HIS B 227 -9.20 9.70 -0.53
CA HIS B 227 -9.01 9.06 -1.84
C HIS B 227 -7.72 8.25 -1.93
N LEU B 228 -6.79 8.47 -1.01
CA LEU B 228 -5.50 7.77 -1.06
C LEU B 228 -5.33 6.74 0.04
N ILE B 229 -4.62 5.67 -0.27
CA ILE B 229 -4.11 4.69 0.70
C ILE B 229 -2.61 4.57 0.56
N ILE B 230 -1.88 4.95 1.59
CA ILE B 230 -0.43 4.89 1.60
C ILE B 230 0.03 3.50 2.06
N GLN B 231 0.98 2.91 1.34
CA GLN B 231 1.59 1.64 1.77
C GLN B 231 3.10 1.81 1.86
N ASP B 232 3.62 1.77 3.07
CA ASP B 232 5.05 1.94 3.29
C ASP B 232 5.81 0.60 3.10
N PHE B 233 6.56 0.49 2.01
CA PHE B 233 7.32 -0.71 1.67
C PHE B 233 8.77 -0.62 2.14
N SER B 234 9.04 0.20 3.16
CA SER B 234 10.40 0.44 3.62
C SER B 234 11.11 -0.83 4.11
N ASN B 235 10.47 -1.55 5.02
CA ASN B 235 11.09 -2.75 5.57
C ASN B 235 10.17 -3.95 5.46
N PRO B 236 10.06 -4.50 4.24
CA PRO B 236 9.12 -5.60 3.98
C PRO B 236 9.56 -6.91 4.63
N PHE B 237 8.59 -7.69 5.13
CA PHE B 237 8.81 -8.99 5.75
C PHE B 237 9.89 -8.97 6.85
N GLN B 238 9.83 -7.97 7.70
CA GLN B 238 10.76 -7.86 8.82
C GLN B 238 10.00 -7.47 10.08
N SER B 239 9.71 -8.46 10.91
CA SER B 239 8.94 -8.29 12.14
C SER B 239 9.56 -7.29 13.11
N GLU B 240 10.88 -7.14 13.02
CA GLU B 240 11.63 -6.31 13.96
C GLU B 240 11.72 -4.87 13.46
N GLU B 241 10.87 -4.52 12.50
CA GLU B 241 10.91 -3.20 11.92
C GLU B 241 9.56 -2.50 12.01
N THR B 242 9.50 -1.44 12.81
CA THR B 242 8.34 -0.58 12.83
C THR B 242 8.64 0.66 11.98
N GLU B 243 7.64 1.09 11.24
CA GLU B 243 7.80 2.17 10.27
C GLU B 243 7.93 3.54 10.93
N ASP B 244 8.69 4.41 10.29
CA ASP B 244 8.84 5.79 10.73
C ASP B 244 7.51 6.52 10.68
N ASN B 245 7.06 6.99 11.84
CA ASN B 245 5.81 7.73 11.93
C ASN B 245 5.88 9.01 11.13
N SER B 246 6.99 9.72 11.29
CA SER B 246 7.21 10.97 10.58
C SER B 246 7.59 10.77 9.11
N ALA B 247 7.24 9.61 8.56
CA ALA B 247 7.42 9.38 7.12
C ALA B 247 6.50 10.29 6.31
N PHE B 248 5.23 10.35 6.70
CA PHE B 248 4.25 11.16 5.97
C PHE B 248 3.18 11.65 6.91
N ALA B 249 2.45 12.67 6.50
CA ALA B 249 1.28 13.14 7.21
C ALA B 249 0.32 13.76 6.19
N PHE B 250 -0.97 13.79 6.52
CA PHE B 250 -1.95 14.51 5.72
C PHE B 250 -2.24 15.84 6.38
N GLU B 251 -1.89 16.93 5.69
CA GLU B 251 -2.10 18.28 6.19
C GLU B 251 -2.64 19.18 5.09
N ASP B 252 -3.25 20.30 5.47
CA ASP B 252 -3.66 21.31 4.53
C ASP B 252 -2.46 22.11 4.05
N PHE B 253 -2.46 22.47 2.77
CA PHE B 253 -1.55 23.48 2.27
C PHE B 253 -2.14 24.10 1.01
N ASP B 254 -1.72 25.33 0.72
CA ASP B 254 -2.26 26.06 -0.41
C ASP B 254 -1.82 25.38 -1.71
N ILE B 255 -2.80 24.99 -2.54
CA ILE B 255 -2.46 24.35 -3.81
C ILE B 255 -2.29 25.37 -4.93
N CYS B 256 -2.47 26.66 -4.60
CA CYS B 256 -2.20 27.74 -5.53
C CYS B 256 -2.85 27.54 -6.90
N ASN B 257 -4.09 27.08 -6.90
CA ASN B 257 -4.83 26.83 -8.14
C ASN B 257 -4.13 25.91 -9.14
N LYS B 258 -3.24 25.06 -8.64
CA LYS B 258 -2.47 24.14 -9.47
C LYS B 258 -1.69 24.87 -10.54
N ASP B 259 -1.33 26.11 -10.25
CA ASP B 259 -0.52 26.93 -11.14
C ASP B 259 0.95 26.67 -10.86
N THR B 260 1.65 26.12 -11.84
CA THR B 260 3.02 25.66 -11.64
C THR B 260 3.97 26.73 -11.07
N MET B 261 4.00 27.91 -11.68
CA MET B 261 4.94 28.93 -11.24
C MET B 261 4.48 29.59 -9.93
N GLN B 262 3.18 29.62 -9.68
CA GLN B 262 2.70 30.06 -8.36
C GLN B 262 3.24 29.10 -7.26
N LEU B 263 3.16 27.79 -7.53
CA LEU B 263 3.73 26.79 -6.61
C LEU B 263 5.23 27.02 -6.43
N PHE B 264 5.90 27.27 -7.55
CA PHE B 264 7.32 27.56 -7.59
C PHE B 264 7.66 28.68 -6.61
N ARG B 265 6.86 29.76 -6.70
CA ARG B 265 7.03 30.97 -5.89
C ARG B 265 6.65 30.77 -4.44
N ALA B 266 5.56 30.05 -4.20
CA ALA B 266 5.12 29.83 -2.83
C ALA B 266 6.07 28.93 -2.05
N TYR B 267 6.65 27.93 -2.71
CA TYR B 267 7.30 26.86 -1.96
C TYR B 267 8.78 26.60 -2.19
N LEU B 268 9.37 27.12 -3.27
CA LEU B 268 10.78 26.79 -3.51
C LEU B 268 11.71 27.90 -3.04
#